data_7MGU
#
_entry.id   7MGU
#
_cell.length_a   46.410
_cell.length_b   38.990
_cell.length_c   57.110
_cell.angle_alpha   90.00
_cell.angle_beta   107.64
_cell.angle_gamma   90.00
#
_symmetry.space_group_name_H-M   'P 1 21 1'
#
loop_
_entity.id
_entity.type
_entity.pdbx_description
1 polymer Endo-1,4-beta-xylanase
2 non-polymer ARGININE
3 non-polymer 'SODIUM ION'
4 non-polymer 1,2-ETHANEDIOL
5 water water
#
_entity_poly.entity_id   1
_entity_poly.type   'polypeptide(L)'
_entity_poly.pdbx_seq_one_letter_code
;(PCA)TIQPGTGYNNGYFYSYWNDGHGGVTYTNGPGGQFSVNWSNSGNFVGGKGWQPGTKNKVINFSGSYNPNGNSYLSV
YGWSRNPLIEYYIVENFGTYNPSTGATKLGEVTSDGSVYDIYRTQRVNQPSIIGTATFYQYWSVRRNHRSSGSVNTANHF
NAWAQQGLTLGTMDYQIVAVEGYFSSGSASITVS
;
_entity_poly.pdbx_strand_id   A
#
loop_
_chem_comp.id
_chem_comp.type
_chem_comp.name
_chem_comp.formula
EDO non-polymer 1,2-ETHANEDIOL 'C2 H6 O2'
NA non-polymer 'SODIUM ION' 'Na 1'
#
# COMPACT_ATOMS: atom_id res chain seq x y z
N PCA A 1 -8.64 14.66 -11.54
CA PCA A 1 -7.65 15.60 -11.94
CB PCA A 1 -8.33 16.95 -11.52
CG PCA A 1 -9.30 16.59 -10.41
CD PCA A 1 -9.50 15.06 -10.67
OE PCA A 1 -10.37 14.38 -10.14
C PCA A 1 -6.37 15.46 -11.24
O PCA A 1 -6.27 14.71 -10.17
N THR A 2 -5.33 16.15 -11.71
CA THR A 2 -4.09 16.29 -11.01
C THR A 2 -4.26 17.11 -9.77
N ILE A 3 -3.84 16.65 -8.61
CA ILE A 3 -4.00 17.30 -7.30
C ILE A 3 -2.73 17.43 -6.50
N GLN A 4 -2.74 18.39 -5.55
CA GLN A 4 -1.74 18.42 -4.56
C GLN A 4 -1.98 17.39 -3.44
N PRO A 5 -1.07 17.16 -2.57
CA PRO A 5 -1.27 16.25 -1.45
C PRO A 5 -2.51 16.53 -0.68
N GLY A 6 -3.26 15.49 -0.27
CA GLY A 6 -4.45 15.59 0.53
C GLY A 6 -5.22 14.29 0.46
N THR A 7 -6.35 14.25 1.16
CA THR A 7 -7.24 13.12 1.17
C THR A 7 -8.61 13.57 0.83
N GLY A 8 -9.46 12.67 0.46
CA GLY A 8 -10.86 12.99 0.12
C GLY A 8 -11.55 11.84 -0.58
N TYR A 9 -12.60 12.13 -1.34
CA TYR A 9 -13.38 11.14 -2.00
C TYR A 9 -13.53 11.54 -3.44
N ASN A 10 -13.43 10.63 -4.37
CA ASN A 10 -13.52 10.87 -5.82
C ASN A 10 -14.19 9.71 -6.46
N ASN A 11 -15.35 9.97 -7.11
CA ASN A 11 -16.08 8.97 -7.90
C ASN A 11 -16.41 7.67 -7.15
N GLY A 12 -16.74 7.87 -5.84
CA GLY A 12 -17.13 6.76 -5.02
C GLY A 12 -16.07 6.09 -4.18
N TYR A 13 -14.80 6.53 -4.33
CA TYR A 13 -13.70 5.95 -3.64
C TYR A 13 -12.94 6.99 -2.80
N PHE A 14 -12.49 6.58 -1.64
CA PHE A 14 -11.52 7.38 -0.89
C PHE A 14 -10.19 7.47 -1.65
N TYR A 15 -9.51 8.58 -1.49
CA TYR A 15 -8.10 8.68 -1.99
C TYR A 15 -7.26 9.32 -0.93
N SER A 16 -5.98 8.94 -0.95
CA SER A 16 -4.92 9.62 -0.14
C SER A 16 -3.71 9.80 -1.01
N TYR A 17 -3.15 11.04 -1.00
CA TYR A 17 -1.88 11.34 -1.70
C TYR A 17 -1.04 12.12 -0.71
N TRP A 18 0.08 11.56 -0.28
CA TRP A 18 1.03 12.14 0.71
C TRP A 18 2.38 12.22 0.05
N ASN A 19 3.14 13.29 0.36
CA ASN A 19 4.58 13.29 -0.01
C ASN A 19 5.37 14.00 1.04
N ASP A 20 6.67 13.79 0.96
CA ASP A 20 7.65 14.35 1.95
C ASP A 20 8.03 15.81 1.65
N GLY A 21 7.50 16.46 0.65
CA GLY A 21 7.82 17.84 0.36
C GLY A 21 8.70 17.91 -0.83
N HIS A 22 9.40 16.84 -1.27
CA HIS A 22 10.17 16.95 -2.48
C HIS A 22 9.23 17.00 -3.72
N GLY A 23 9.74 17.52 -4.78
CA GLY A 23 9.06 17.66 -6.05
C GLY A 23 9.10 16.34 -6.86
N GLY A 24 8.62 16.42 -8.07
CA GLY A 24 8.82 15.37 -9.03
C GLY A 24 7.56 14.44 -9.18
N VAL A 25 6.54 14.61 -8.37
CA VAL A 25 5.39 13.67 -8.43
C VAL A 25 4.19 14.29 -9.03
N THR A 26 3.55 13.60 -9.97
CA THR A 26 2.27 14.03 -10.52
C THR A 26 1.25 12.93 -10.13
N TYR A 27 0.29 13.24 -9.32
CA TYR A 27 -0.77 12.30 -8.90
C TYR A 27 -2.07 12.76 -9.50
N THR A 28 -2.81 11.91 -10.22
CA THR A 28 -4.03 12.26 -10.87
C THR A 28 -5.12 11.29 -10.55
N ASN A 29 -6.25 11.74 -10.07
CA ASN A 29 -7.45 10.92 -9.94
C ASN A 29 -8.22 10.80 -11.22
N GLY A 30 -8.70 9.62 -11.57
CA GLY A 30 -9.51 9.42 -12.75
C GLY A 30 -10.88 8.93 -12.46
N PRO A 31 -11.64 8.49 -13.47
CA PRO A 31 -13.02 7.97 -13.31
C PRO A 31 -13.01 6.76 -12.42
N GLY A 32 -14.13 6.56 -11.74
CA GLY A 32 -14.26 5.37 -10.92
C GLY A 32 -13.17 5.20 -9.94
N GLY A 33 -12.67 3.96 -9.89
CA GLY A 33 -11.58 3.63 -8.95
C GLY A 33 -10.17 3.87 -9.54
N GLN A 34 -9.98 4.80 -10.48
N GLN A 34 -10.02 4.56 -10.68
CA GLN A 34 -8.73 4.97 -11.14
CA GLN A 34 -8.72 4.78 -11.31
C GLN A 34 -7.88 6.08 -10.61
C GLN A 34 -7.94 5.98 -10.70
N PHE A 35 -6.59 5.81 -10.65
CA PHE A 35 -5.62 6.86 -10.36
C PHE A 35 -4.38 6.60 -11.18
N SER A 36 -3.56 7.62 -11.31
N SER A 36 -3.66 7.62 -11.59
CA SER A 36 -2.30 7.52 -12.05
CA SER A 36 -2.32 7.45 -12.21
C SER A 36 -1.27 8.26 -11.27
C SER A 36 -1.28 8.31 -11.47
N VAL A 37 -0.06 7.79 -11.32
CA VAL A 37 1.05 8.51 -10.70
C VAL A 37 2.24 8.45 -11.64
N ASN A 38 2.85 9.57 -11.95
CA ASN A 38 4.07 9.64 -12.71
C ASN A 38 5.05 10.35 -11.87
N TRP A 39 6.26 9.85 -11.70
CA TRP A 39 7.19 10.47 -10.82
C TRP A 39 8.54 10.53 -11.59
N SER A 40 9.18 11.70 -11.50
N SER A 40 9.20 11.67 -11.33
CA SER A 40 10.55 11.83 -12.07
CA SER A 40 10.49 12.04 -11.98
C SER A 40 11.43 12.46 -10.97
C SER A 40 11.42 12.54 -10.87
N ASN A 41 12.30 11.66 -10.42
CA ASN A 41 13.25 12.02 -9.39
C ASN A 41 12.55 12.57 -8.16
N SER A 42 11.61 11.79 -7.63
CA SER A 42 10.84 12.14 -6.45
C SER A 42 11.67 12.09 -5.17
N GLY A 43 11.03 12.50 -4.06
CA GLY A 43 11.47 11.97 -2.76
C GLY A 43 10.59 10.77 -2.39
N ASN A 44 10.10 10.71 -1.14
CA ASN A 44 9.13 9.68 -0.71
C ASN A 44 7.73 10.21 -0.89
N PHE A 45 6.89 9.36 -1.51
CA PHE A 45 5.44 9.65 -1.65
C PHE A 45 4.62 8.33 -1.59
N VAL A 46 3.30 8.49 -1.27
CA VAL A 46 2.34 7.37 -1.26
C VAL A 46 1.08 7.89 -1.82
N GLY A 47 0.49 7.25 -2.84
CA GLY A 47 -0.88 7.67 -3.32
C GLY A 47 -1.67 6.50 -3.79
N GLY A 48 -2.99 6.59 -3.60
CA GLY A 48 -3.90 5.65 -4.22
C GLY A 48 -5.31 5.77 -3.71
N LYS A 49 -6.13 4.81 -4.12
CA LYS A 49 -7.59 4.83 -3.93
C LYS A 49 -8.09 3.56 -3.23
N GLY A 50 -9.22 3.73 -2.54
CA GLY A 50 -9.89 2.65 -1.88
C GLY A 50 -11.00 3.07 -0.98
N TRP A 51 -10.92 2.81 0.32
CA TRP A 51 -12.02 2.98 1.22
C TRP A 51 -11.64 3.58 2.53
N GLN A 52 -12.56 4.34 3.11
CA GLN A 52 -12.41 4.93 4.44
C GLN A 52 -13.70 4.65 5.21
N PRO A 53 -13.75 3.79 6.21
CA PRO A 53 -12.67 2.87 6.61
C PRO A 53 -12.65 1.59 5.78
N GLY A 54 -11.54 0.88 5.90
CA GLY A 54 -11.43 -0.48 5.44
C GLY A 54 -12.17 -1.45 6.33
N THR A 55 -12.03 -2.73 5.88
CA THR A 55 -12.62 -3.85 6.65
C THR A 55 -11.59 -4.95 6.79
N LYS A 56 -11.87 -5.90 7.69
CA LYS A 56 -10.98 -7.06 7.92
C LYS A 56 -11.31 -8.22 7.00
N ASN A 57 -12.22 -8.12 6.05
CA ASN A 57 -12.55 -9.18 5.15
C ASN A 57 -12.77 -8.71 3.73
N LYS A 58 -12.24 -7.55 3.38
CA LYS A 58 -12.44 -7.04 2.03
C LYS A 58 -11.69 -7.89 0.97
N VAL A 59 -12.29 -8.12 -0.16
CA VAL A 59 -11.63 -8.71 -1.31
C VAL A 59 -11.36 -7.53 -2.27
N ILE A 60 -10.12 -7.15 -2.44
CA ILE A 60 -9.75 -5.98 -3.23
C ILE A 60 -9.26 -6.40 -4.58
N ASN A 61 -9.85 -5.82 -5.63
CA ASN A 61 -9.43 -6.06 -7.02
C ASN A 61 -8.57 -4.91 -7.55
N PHE A 62 -7.51 -5.16 -8.26
CA PHE A 62 -6.68 -4.09 -8.84
C PHE A 62 -6.22 -4.52 -10.21
N SER A 63 -5.97 -3.53 -11.06
CA SER A 63 -5.35 -3.85 -12.35
C SER A 63 -4.71 -2.62 -12.91
N GLY A 64 -3.69 -2.82 -13.70
CA GLY A 64 -3.11 -1.74 -14.47
C GLY A 64 -1.66 -1.93 -14.80
N SER A 65 -0.98 -0.80 -15.03
N SER A 65 -1.01 -0.79 -15.01
CA SER A 65 0.40 -0.82 -15.53
CA SER A 65 0.36 -0.75 -15.43
C SER A 65 1.29 -0.19 -14.47
C SER A 65 1.19 -0.30 -14.21
N TYR A 66 2.37 -0.87 -14.09
CA TYR A 66 3.27 -0.48 -12.98
C TYR A 66 4.66 -0.59 -13.50
N ASN A 67 5.34 0.55 -13.67
CA ASN A 67 6.71 0.63 -14.28
C ASN A 67 7.65 1.43 -13.42
N PRO A 68 8.12 0.88 -12.30
CA PRO A 68 9.04 1.60 -11.43
C PRO A 68 10.48 1.55 -12.06
N ASN A 69 11.19 2.61 -11.86
CA ASN A 69 12.63 2.71 -12.18
C ASN A 69 13.35 3.06 -10.94
N GLY A 70 13.51 2.06 -10.07
CA GLY A 70 14.14 2.24 -8.78
C GLY A 70 13.18 1.79 -7.61
N ASN A 71 13.36 2.39 -6.48
CA ASN A 71 12.69 1.95 -5.22
C ASN A 71 11.18 2.45 -5.30
N SER A 72 10.30 1.48 -5.30
CA SER A 72 8.87 1.71 -5.28
C SER A 72 8.17 0.41 -4.91
N TYR A 73 6.92 0.56 -4.38
CA TYR A 73 6.08 -0.58 -4.06
C TYR A 73 4.71 -0.37 -4.64
N LEU A 74 4.02 -1.48 -4.92
CA LEU A 74 2.60 -1.54 -5.28
C LEU A 74 1.90 -2.45 -4.27
N SER A 75 0.97 -1.93 -3.45
CA SER A 75 0.52 -2.68 -2.29
C SER A 75 -0.91 -2.43 -1.94
N VAL A 76 -1.61 -3.36 -1.30
CA VAL A 76 -2.75 -2.99 -0.43
C VAL A 76 -2.17 -2.38 0.84
N TYR A 77 -2.59 -1.21 1.23
CA TYR A 77 -1.90 -0.39 2.23
C TYR A 77 -2.96 0.27 3.11
N GLY A 78 -2.75 0.29 4.39
CA GLY A 78 -3.70 1.00 5.27
C GLY A 78 -3.25 1.03 6.67
N TRP A 79 -4.16 1.49 7.55
CA TRP A 79 -3.84 1.75 8.96
C TRP A 79 -4.90 1.19 9.86
N SER A 80 -4.55 0.89 11.12
CA SER A 80 -5.51 0.73 12.21
C SER A 80 -5.16 1.70 13.32
N ARG A 81 -6.13 1.82 14.24
CA ARG A 81 -5.92 2.59 15.52
C ARG A 81 -6.23 1.69 16.70
N ASN A 82 -5.47 1.84 17.79
CA ASN A 82 -5.66 1.03 19.06
C ASN A 82 -5.70 -0.46 18.78
N PRO A 83 -4.61 -1.06 18.34
CA PRO A 83 -3.30 -0.43 18.16
C PRO A 83 -3.08 0.36 16.87
N LEU A 84 -2.14 1.29 16.87
CA LEU A 84 -1.74 2.07 15.72
C LEU A 84 -0.78 1.19 14.91
N ILE A 85 -1.21 0.87 13.67
CA ILE A 85 -0.46 -0.01 12.80
C ILE A 85 -0.49 0.56 11.40
N GLU A 86 0.61 0.53 10.67
CA GLU A 86 0.66 0.78 9.19
C GLU A 86 0.94 -0.56 8.57
N TYR A 87 0.08 -1.05 7.65
CA TYR A 87 0.29 -2.38 7.11
C TYR A 87 0.32 -2.36 5.57
N TYR A 88 0.97 -3.40 5.02
CA TYR A 88 1.23 -3.55 3.63
C TYR A 88 1.04 -5.00 3.20
N ILE A 89 0.32 -5.24 2.09
CA ILE A 89 0.28 -6.49 1.38
C ILE A 89 0.89 -6.14 0.02
N VAL A 90 2.21 -6.41 -0.13
CA VAL A 90 3.00 -5.94 -1.27
C VAL A 90 2.88 -6.89 -2.43
N GLU A 91 2.33 -6.43 -3.52
CA GLU A 91 2.07 -7.25 -4.72
C GLU A 91 3.17 -7.16 -5.74
N ASN A 92 3.93 -6.05 -5.70
CA ASN A 92 5.04 -5.81 -6.66
C ASN A 92 5.94 -4.77 -6.07
N PHE A 93 7.21 -4.75 -6.47
CA PHE A 93 8.14 -3.74 -6.04
C PHE A 93 9.26 -3.59 -7.09
N GLY A 94 10.00 -2.50 -6.99
CA GLY A 94 11.06 -2.21 -7.96
C GLY A 94 12.38 -2.81 -7.47
N THR A 95 13.37 -1.97 -7.24
CA THR A 95 14.76 -2.46 -6.97
C THR A 95 14.96 -2.81 -5.58
N TYR A 96 14.06 -2.55 -4.60
CA TYR A 96 14.34 -2.72 -3.18
C TYR A 96 13.18 -3.48 -2.50
N ASN A 97 13.49 -4.64 -1.92
CA ASN A 97 12.47 -5.43 -1.15
C ASN A 97 12.32 -4.75 0.17
N PRO A 98 11.06 -4.29 0.56
CA PRO A 98 10.88 -3.58 1.79
C PRO A 98 11.20 -4.33 3.11
N SER A 99 11.32 -5.64 2.97
CA SER A 99 11.61 -6.49 4.11
C SER A 99 13.11 -6.69 4.34
N THR A 100 13.97 -6.06 3.54
CA THR A 100 15.39 -6.19 3.70
C THR A 100 15.81 -5.77 5.14
N GLY A 101 16.53 -6.70 5.82
CA GLY A 101 16.93 -6.46 7.16
C GLY A 101 15.98 -6.92 8.24
N ALA A 102 14.68 -7.14 7.88
CA ALA A 102 13.66 -7.48 8.83
C ALA A 102 13.63 -8.97 9.14
N THR A 103 13.19 -9.25 10.33
CA THR A 103 13.08 -10.65 10.83
C THR A 103 11.72 -11.29 10.27
N LYS A 104 11.94 -12.34 9.53
CA LYS A 104 10.79 -13.15 9.03
C LYS A 104 10.03 -13.80 10.15
N LEU A 105 8.70 -13.77 10.22
CA LEU A 105 7.90 -14.38 11.21
C LEU A 105 7.12 -15.61 10.73
N GLY A 106 6.92 -15.73 9.41
CA GLY A 106 6.09 -16.79 8.87
C GLY A 106 5.78 -16.56 7.40
N GLU A 107 4.85 -17.39 6.89
CA GLU A 107 4.38 -17.38 5.50
C GLU A 107 2.92 -17.53 5.46
N VAL A 108 2.30 -17.05 4.37
CA VAL A 108 0.89 -17.32 4.05
C VAL A 108 0.74 -17.48 2.58
N THR A 109 -0.15 -18.38 2.16
CA THR A 109 -0.42 -18.59 0.72
C THR A 109 -1.79 -18.03 0.42
N SER A 110 -1.86 -17.14 -0.52
CA SER A 110 -3.10 -16.45 -0.86
C SER A 110 -3.09 -16.04 -2.32
N ASP A 111 -4.25 -16.15 -3.00
CA ASP A 111 -4.41 -15.53 -4.34
C ASP A 111 -3.31 -15.85 -5.33
N GLY A 112 -2.83 -17.13 -5.29
CA GLY A 112 -1.86 -17.64 -6.20
C GLY A 112 -0.39 -17.52 -5.92
N SER A 113 -0.01 -17.10 -4.69
CA SER A 113 1.38 -17.02 -4.34
C SER A 113 1.57 -17.22 -2.86
N VAL A 114 2.79 -17.65 -2.48
CA VAL A 114 3.28 -17.54 -1.12
C VAL A 114 3.67 -16.04 -0.91
N TYR A 115 3.45 -15.61 0.34
CA TYR A 115 3.91 -14.34 0.86
C TYR A 115 4.78 -14.58 2.15
N ASP A 116 5.82 -13.82 2.31
CA ASP A 116 6.58 -13.85 3.55
C ASP A 116 6.13 -12.71 4.47
N ILE A 117 6.05 -12.98 5.76
CA ILE A 117 5.50 -12.09 6.76
C ILE A 117 6.55 -11.52 7.66
N TYR A 118 6.48 -10.20 7.94
CA TYR A 118 7.48 -9.46 8.75
C TYR A 118 6.86 -8.41 9.56
N ARG A 119 7.42 -8.07 10.71
CA ARG A 119 7.07 -6.89 11.50
C ARG A 119 8.27 -5.96 11.53
N THR A 120 8.09 -4.65 11.44
CA THR A 120 9.12 -3.60 11.66
C THR A 120 8.57 -2.58 12.58
N GLN A 121 9.45 -1.66 13.08
CA GLN A 121 9.03 -0.61 14.01
C GLN A 121 9.48 0.72 13.49
N ARG A 122 8.60 1.69 13.48
CA ARG A 122 8.83 3.06 13.14
C ARG A 122 8.88 3.90 14.40
N VAL A 123 9.95 4.63 14.66
CA VAL A 123 10.14 5.34 15.93
C VAL A 123 10.05 6.85 15.64
N ASN A 124 9.13 7.57 16.29
CA ASN A 124 8.90 8.98 16.19
C ASN A 124 8.83 9.44 14.78
N GLN A 125 7.90 8.81 14.00
CA GLN A 125 7.70 9.11 12.56
C GLN A 125 6.32 9.59 12.20
N PRO A 126 6.10 10.15 10.99
CA PRO A 126 4.79 10.59 10.62
C PRO A 126 3.80 9.42 10.63
N SER A 127 2.59 9.74 11.05
CA SER A 127 1.45 8.74 11.04
C SER A 127 0.15 9.46 10.85
N ILE A 128 -0.93 8.65 10.81
CA ILE A 128 -2.30 9.20 10.75
C ILE A 128 -2.70 9.95 11.96
N ILE A 129 -1.97 9.85 13.06
CA ILE A 129 -2.26 10.63 14.31
C ILE A 129 -1.15 11.61 14.59
N GLY A 130 -0.28 11.91 13.67
CA GLY A 130 0.88 12.74 13.93
C GLY A 130 2.13 12.02 14.30
N THR A 131 3.20 12.68 14.78
CA THR A 131 4.41 11.98 15.09
C THR A 131 4.16 10.89 16.10
N ALA A 132 4.62 9.69 15.88
CA ALA A 132 4.35 8.54 16.68
C ALA A 132 5.29 7.38 16.50
N THR A 133 5.40 6.52 17.49
CA THR A 133 6.07 5.27 17.34
C THR A 133 4.98 4.15 17.11
N PHE A 134 5.23 3.28 16.14
CA PHE A 134 4.22 2.27 15.75
C PHE A 134 4.89 1.12 15.03
N TYR A 135 4.24 -0.03 15.06
CA TYR A 135 4.63 -1.13 14.22
C TYR A 135 4.05 -1.11 12.79
N GLN A 136 4.83 -1.69 11.89
CA GLN A 136 4.40 -1.98 10.51
C GLN A 136 4.28 -3.48 10.33
N TYR A 137 3.20 -3.96 9.67
CA TYR A 137 3.05 -5.37 9.31
C TYR A 137 3.20 -5.53 7.84
N TRP A 138 3.90 -6.55 7.39
CA TRP A 138 4.18 -6.76 5.97
C TRP A 138 3.83 -8.19 5.56
N SER A 139 3.15 -8.35 4.42
CA SER A 139 3.13 -9.59 3.66
C SER A 139 3.74 -9.27 2.32
N VAL A 140 4.82 -9.93 1.89
CA VAL A 140 5.52 -9.65 0.65
C VAL A 140 5.34 -10.75 -0.37
N ARG A 141 4.66 -10.49 -1.48
CA ARG A 141 4.36 -11.56 -2.45
C ARG A 141 5.62 -12.00 -3.16
N ARG A 142 5.82 -13.31 -3.25
CA ARG A 142 7.00 -13.84 -3.98
C ARG A 142 6.83 -13.73 -5.46
N ASN A 143 5.66 -13.86 -5.99
CA ASN A 143 5.44 -13.87 -7.47
C ASN A 143 4.83 -12.47 -7.82
N HIS A 144 5.63 -11.54 -8.30
CA HIS A 144 5.13 -10.16 -8.51
C HIS A 144 4.11 -10.10 -9.58
N ARG A 145 3.14 -9.19 -9.43
CA ARG A 145 2.04 -8.99 -10.39
C ARG A 145 1.55 -7.53 -10.34
N SER A 146 0.81 -7.23 -11.44
N SER A 146 0.87 -7.09 -11.42
CA SER A 146 0.20 -5.92 -11.65
CA SER A 146 0.32 -5.70 -11.41
C SER A 146 -1.31 -6.03 -11.81
C SER A 146 -1.17 -5.68 -11.51
N SER A 147 -1.94 -7.19 -11.66
N SER A 147 -1.79 -6.88 -11.46
CA SER A 147 -3.38 -7.28 -11.56
CA SER A 147 -3.22 -7.05 -11.54
C SER A 147 -3.77 -8.48 -10.79
C SER A 147 -3.65 -8.29 -10.72
N GLY A 148 -4.87 -8.40 -10.13
CA GLY A 148 -5.38 -9.58 -9.44
C GLY A 148 -6.32 -9.16 -8.33
N SER A 149 -6.68 -10.11 -7.50
N SER A 149 -6.48 -10.09 -7.41
CA SER A 149 -7.46 -9.87 -6.29
CA SER A 149 -7.44 -9.97 -6.33
C SER A 149 -6.69 -10.26 -5.03
C SER A 149 -6.73 -10.30 -5.01
N VAL A 150 -6.95 -9.51 -3.95
CA VAL A 150 -6.33 -9.77 -2.66
C VAL A 150 -7.45 -10.03 -1.65
N ASN A 151 -7.49 -11.26 -1.10
N ASN A 151 -7.41 -11.25 -1.09
CA ASN A 151 -8.37 -11.61 0.01
CA ASN A 151 -8.29 -11.59 -0.02
C ASN A 151 -7.64 -11.18 1.29
C ASN A 151 -7.66 -11.18 1.31
N THR A 152 -7.96 -9.94 1.74
CA THR A 152 -7.27 -9.40 2.89
C THR A 152 -7.41 -10.28 4.12
N ALA A 153 -8.53 -10.95 4.30
CA ALA A 153 -8.66 -11.79 5.53
C ALA A 153 -7.65 -12.87 5.62
N ASN A 154 -7.16 -13.40 4.52
CA ASN A 154 -6.14 -14.44 4.58
C ASN A 154 -4.84 -13.91 5.24
N HIS A 155 -4.48 -12.68 4.90
CA HIS A 155 -3.35 -12.04 5.49
C HIS A 155 -3.60 -11.68 6.92
N PHE A 156 -4.71 -11.02 7.26
CA PHE A 156 -4.96 -10.57 8.58
C PHE A 156 -4.99 -11.78 9.54
N ASN A 157 -5.53 -12.90 9.06
N ASN A 157 -5.61 -12.86 9.09
CA ASN A 157 -5.61 -14.16 9.88
CA ASN A 157 -5.65 -14.08 9.91
C ASN A 157 -4.18 -14.67 10.15
C ASN A 157 -4.25 -14.71 10.12
N ALA A 158 -3.39 -14.73 9.12
CA ALA A 158 -2.04 -15.22 9.28
C ALA A 158 -1.19 -14.36 10.20
N TRP A 159 -1.32 -13.04 10.08
CA TRP A 159 -0.61 -12.09 10.97
C TRP A 159 -1.06 -12.31 12.39
N ALA A 160 -2.31 -12.55 12.64
CA ALA A 160 -2.80 -12.73 14.02
C ALA A 160 -2.21 -14.00 14.63
N GLN A 161 -1.86 -14.97 13.85
CA GLN A 161 -1.22 -16.22 14.44
C GLN A 161 0.18 -15.95 14.89
N GLN A 162 0.81 -14.84 14.53
CA GLN A 162 2.11 -14.40 15.03
C GLN A 162 2.02 -13.17 15.95
N GLY A 163 0.85 -12.96 16.51
CA GLY A 163 0.64 -11.85 17.41
C GLY A 163 0.59 -10.48 16.79
N LEU A 164 0.42 -10.39 15.45
CA LEU A 164 0.33 -9.14 14.69
C LEU A 164 -1.11 -8.80 14.62
N THR A 165 -1.63 -8.15 15.68
N THR A 165 -1.69 -8.21 15.67
CA THR A 165 -3.05 -7.85 15.79
CA THR A 165 -3.10 -7.95 15.70
C THR A 165 -3.39 -6.44 15.29
C THR A 165 -3.37 -6.50 15.20
N LEU A 166 -4.55 -6.30 14.72
CA LEU A 166 -5.00 -5.02 14.15
C LEU A 166 -6.10 -4.43 15.05
N GLY A 167 -6.13 -3.11 15.09
CA GLY A 167 -7.16 -2.38 15.78
C GLY A 167 -8.37 -2.07 14.95
N THR A 168 -8.96 -0.92 15.23
CA THR A 168 -10.12 -0.46 14.50
C THR A 168 -9.56 0.13 13.18
N MET A 169 -10.13 -0.34 12.05
CA MET A 169 -9.56 0.08 10.75
C MET A 169 -9.75 1.55 10.51
N ASP A 170 -8.72 2.17 9.94
CA ASP A 170 -8.80 3.46 9.27
C ASP A 170 -8.78 3.19 7.75
N TYR A 171 -8.11 4.02 6.95
CA TYR A 171 -8.24 3.83 5.49
C TYR A 171 -7.57 2.53 4.99
N GLN A 172 -7.94 2.11 3.81
CA GLN A 172 -7.47 0.87 3.17
C GLN A 172 -7.48 1.14 1.67
N ILE A 173 -6.32 1.21 1.03
CA ILE A 173 -6.24 1.61 -0.38
C ILE A 173 -5.32 0.67 -1.11
N VAL A 174 -5.34 0.75 -2.46
CA VAL A 174 -4.22 0.23 -3.30
C VAL A 174 -3.32 1.40 -3.59
N ALA A 175 -2.08 1.34 -3.15
CA ALA A 175 -1.16 2.48 -3.19
C ALA A 175 0.04 2.16 -3.99
N VAL A 176 0.51 3.23 -4.69
CA VAL A 176 1.88 3.24 -5.23
C VAL A 176 2.73 4.07 -4.29
N GLU A 177 3.84 3.55 -3.83
CA GLU A 177 4.83 4.26 -3.00
C GLU A 177 6.12 4.35 -3.80
N GLY A 178 6.78 5.50 -3.71
CA GLY A 178 8.14 5.63 -4.29
C GLY A 178 9.05 6.24 -3.23
N TYR A 179 10.35 5.97 -3.47
CA TYR A 179 11.36 6.49 -2.56
C TYR A 179 12.62 6.90 -3.39
N PHE A 180 12.72 8.18 -3.70
CA PHE A 180 13.91 8.74 -4.42
C PHE A 180 14.23 7.95 -5.66
N SER A 181 13.23 7.93 -6.58
CA SER A 181 13.21 7.12 -7.77
C SER A 181 12.42 7.85 -8.86
N SER A 182 12.25 7.13 -9.95
CA SER A 182 11.33 7.56 -11.05
C SER A 182 10.45 6.41 -11.38
N GLY A 183 9.34 6.66 -12.10
CA GLY A 183 8.45 5.63 -12.55
C GLY A 183 7.18 6.16 -13.08
N SER A 184 6.35 5.21 -13.52
CA SER A 184 5.02 5.54 -13.92
C SER A 184 4.09 4.40 -13.54
N ALA A 185 2.80 4.73 -13.23
CA ALA A 185 1.82 3.69 -12.91
C ALA A 185 0.43 4.25 -13.17
N SER A 186 -0.49 3.35 -13.53
CA SER A 186 -1.88 3.70 -13.69
C SER A 186 -2.67 2.50 -13.22
N ILE A 187 -3.53 2.65 -12.24
CA ILE A 187 -4.18 1.52 -11.56
C ILE A 187 -5.67 1.77 -11.41
N THR A 188 -6.50 0.77 -11.58
CA THR A 188 -7.91 0.80 -11.23
C THR A 188 -8.22 -0.14 -10.11
N VAL A 189 -8.84 0.41 -9.05
CA VAL A 189 -9.28 -0.38 -7.89
C VAL A 189 -10.77 -0.67 -8.01
N SER A 190 -11.14 -1.81 -7.45
CA SER A 190 -12.57 -2.09 -7.15
C SER A 190 -12.73 -3.09 -6.07
N ARG B . 0.07 9.13 7.56
CA ARG B . 1.28 9.96 7.54
C ARG B . 0.91 11.47 7.59
O ARG B . -0.28 11.87 7.25
CB ARG B . 2.22 9.61 6.37
CG ARG B . 2.75 8.21 6.39
CD ARG B . 3.80 8.01 5.33
NE ARG B . 4.20 6.61 5.24
CZ ARG B . 5.07 6.13 4.37
NH1 ARG B . 5.84 6.87 3.64
NH2 ARG B . 5.18 4.81 4.23
OXT ARG B . 1.81 12.29 7.87
NA NA C . -7.42 -0.33 7.08
NA NA D . -3.16 -11.78 -1.52
NA NA E . 2.37 2.46 0.36
NA NA F . 11.51 -1.11 -4.29
NA NA G . 2.68 0.61 -1.77
C1 EDO H . -4.68 5.81 17.78
O1 EDO H . -5.71 6.51 18.36
C2 EDO H . -4.09 5.17 19.01
O2 EDO H . -3.69 3.93 18.44
C1 EDO I . 7.17 13.09 19.56
O1 EDO I . 8.47 13.77 19.49
C2 EDO I . 5.93 14.09 19.54
O2 EDO I . 6.17 15.33 18.85
#